data_3UQN
#
_entry.id   3UQN
#
_cell.length_a   51.374
_cell.length_b   122.637
_cell.length_c   52.332
_cell.angle_alpha   90.00
_cell.angle_beta   115.46
_cell.angle_gamma   90.00
#
_symmetry.space_group_name_H-M   'P 1 21 1'
#
loop_
_entity.id
_entity.type
_entity.pdbx_description
1 polymer 'Dihydrodipicolinate synthase'
2 non-polymer GLYCEROL
3 non-polymer 'OXAMIC ACID'
4 water water
#
_entity_poly.entity_id   1
_entity_poly.type   'polypeptide(L)'
_entity_poly.pdbx_seq_one_letter_code
;TIQGSIVAIVTPMLKDGGVDWKSLEKLVEWHIEQGTNSIVAVGTTGEASTLSMEEHTQVIKEIIRVANKRIPIIAGTGAN
STREAIELTKAAKDLGADAALLVTPYYNKPTQEGLYQHYKAIAEAVELPLILYNVPGRTGVDLSNDTAVRLAEIPNIVGI
KDATGDVPRGKALIDALNGKMAVYSGDDETAWELMLLGADGNISVTANIAPKAMSEVCAVAIAKDEQQAKTLNNKIANLH
NILFCESNPIPVKWALHEMGLIDTGIRLPLTPLAEQYREPLRNALKDAGII
;
_entity_poly.pdbx_strand_id   A,B
#
# COMPACT_ATOMS: atom_id res chain seq x y z
N THR A 1 -23.12 -12.13 -12.01
CA THR A 1 -24.34 -12.62 -11.29
C THR A 1 -24.74 -11.70 -10.13
N ILE A 2 -23.83 -11.37 -9.20
CA ILE A 2 -24.20 -10.48 -8.10
C ILE A 2 -24.45 -9.08 -8.67
N GLN A 3 -25.60 -8.51 -8.37
CA GLN A 3 -26.04 -7.22 -8.87
C GLN A 3 -26.64 -6.30 -7.80
N GLY A 4 -26.72 -5.01 -8.08
CA GLY A 4 -27.32 -4.06 -7.14
C GLY A 4 -26.41 -3.28 -6.21
N SER A 5 -26.95 -2.96 -5.04
CA SER A 5 -26.20 -2.22 -4.03
C SER A 5 -25.42 -3.22 -3.18
N ILE A 6 -24.11 -3.10 -3.23
CA ILE A 6 -23.21 -3.99 -2.50
C ILE A 6 -22.43 -3.16 -1.49
N VAL A 7 -22.87 -3.18 -0.23
CA VAL A 7 -22.20 -2.38 0.78
C VAL A 7 -20.82 -2.88 1.21
N ALA A 8 -19.88 -1.94 1.24
CA ALA A 8 -18.53 -2.19 1.73
C ALA A 8 -18.55 -1.92 3.22
N ILE A 9 -19.00 -2.91 3.96
CA ILE A 9 -19.35 -2.77 5.37
C ILE A 9 -18.17 -2.38 6.23
N VAL A 10 -18.42 -1.47 7.17
CA VAL A 10 -17.38 -1.09 8.12
C VAL A 10 -17.28 -2.21 9.15
N THR A 11 -16.21 -2.19 9.93
CA THR A 11 -16.05 -3.17 11.00
C THR A 11 -16.22 -2.37 12.29
N PRO A 12 -17.40 -2.47 12.92
CA PRO A 12 -17.66 -1.73 14.17
C PRO A 12 -16.64 -2.10 15.23
N MET A 13 -16.20 -1.11 16.01
CA MET A 13 -15.22 -1.36 17.05
C MET A 13 -15.55 -0.64 18.35
N LEU A 14 -15.09 -1.22 19.44
CA LEU A 14 -15.27 -0.65 20.77
C LEU A 14 -14.29 0.50 20.88
N LYS A 15 -14.45 1.33 21.91
CA LYS A 15 -13.55 2.46 22.08
C LYS A 15 -12.09 2.04 22.06
N ASP A 16 -11.77 0.89 22.65
CA ASP A 16 -10.38 0.46 22.66
C ASP A 16 -9.93 -0.28 21.41
N GLY A 17 -10.75 -0.22 20.36
CA GLY A 17 -10.39 -0.84 19.11
C GLY A 17 -10.81 -2.29 18.92
N GLY A 18 -11.31 -2.93 19.96
CA GLY A 18 -11.74 -4.30 19.81
C GLY A 18 -12.95 -4.37 18.90
N VAL A 19 -13.08 -5.47 18.16
CA VAL A 19 -14.23 -5.60 17.26
C VAL A 19 -15.52 -5.63 18.08
N ASP A 20 -16.48 -4.81 17.67
CA ASP A 20 -17.78 -4.69 18.33
C ASP A 20 -18.74 -5.71 17.69
N TRP A 21 -18.69 -6.95 18.16
CA TRP A 21 -19.50 -8.04 17.59
C TRP A 21 -21.00 -7.84 17.53
N LYS A 22 -21.61 -7.39 18.62
CA LYS A 22 -23.06 -7.16 18.62
C LYS A 22 -23.45 -6.08 17.62
N SER A 23 -22.70 -4.99 17.58
CA SER A 23 -23.03 -3.91 16.65
C SER A 23 -22.88 -4.36 15.19
N LEU A 24 -21.94 -5.26 14.92
CA LEU A 24 -21.75 -5.76 13.56
C LEU A 24 -22.98 -6.58 13.17
N GLU A 25 -23.44 -7.40 14.09
CA GLU A 25 -24.62 -8.23 13.85
C GLU A 25 -25.82 -7.37 13.49
N LYS A 26 -26.11 -6.34 14.29
CA LYS A 26 -27.23 -5.46 14.02
C LYS A 26 -27.13 -4.81 12.65
N LEU A 27 -25.92 -4.40 12.27
CA LEU A 27 -25.71 -3.77 10.95
C LEU A 27 -26.05 -4.72 9.82
N VAL A 28 -25.59 -5.95 9.92
CA VAL A 28 -25.85 -6.95 8.88
C VAL A 28 -27.36 -7.15 8.72
N GLU A 29 -28.06 -7.31 9.84
CA GLU A 29 -29.51 -7.51 9.84
C GLU A 29 -30.24 -6.30 9.24
N TRP A 30 -29.80 -5.10 9.61
CA TRP A 30 -30.37 -3.86 9.12
C TRP A 30 -30.20 -3.76 7.60
N HIS A 31 -29.01 -4.10 7.11
CA HIS A 31 -28.77 -4.05 5.66
C HIS A 31 -29.72 -4.98 4.90
N ILE A 32 -29.88 -6.20 5.38
CA ILE A 32 -30.77 -7.14 4.69
C ILE A 32 -32.21 -6.64 4.73
N GLU A 33 -32.64 -6.15 5.89
CA GLU A 33 -33.99 -5.62 6.05
C GLU A 33 -34.22 -4.39 5.16
N GLN A 34 -33.17 -3.59 4.97
CA GLN A 34 -33.26 -2.35 4.17
C GLN A 34 -33.14 -2.48 2.65
N GLY A 35 -32.85 -3.68 2.15
CA GLY A 35 -32.75 -3.86 0.71
C GLY A 35 -31.36 -3.97 0.11
N THR A 36 -30.33 -3.94 0.94
CA THR A 36 -28.96 -4.08 0.46
C THR A 36 -28.88 -5.45 -0.20
N ASN A 37 -28.32 -5.50 -1.39
CA ASN A 37 -28.25 -6.76 -2.14
C ASN A 37 -27.08 -7.69 -1.84
N SER A 38 -25.98 -7.14 -1.32
CA SER A 38 -24.81 -7.94 -1.00
C SER A 38 -23.91 -7.18 -0.05
N ILE A 39 -23.05 -7.89 0.66
CA ILE A 39 -22.07 -7.30 1.57
C ILE A 39 -20.64 -7.72 1.31
N VAL A 40 -19.74 -6.76 1.33
CA VAL A 40 -18.33 -7.07 1.18
C VAL A 40 -17.78 -6.99 2.60
N ALA A 41 -17.28 -8.12 3.09
CA ALA A 41 -16.72 -8.16 4.44
C ALA A 41 -15.22 -7.94 4.44
N VAL A 42 -14.80 -7.12 5.38
CA VAL A 42 -13.41 -6.84 5.57
C VAL A 42 -12.66 -6.37 4.33
N GLY A 43 -13.18 -5.35 3.70
CA GLY A 43 -12.57 -4.76 2.53
C GLY A 43 -11.92 -3.50 3.07
N THR A 44 -11.59 -2.56 2.19
CA THR A 44 -10.97 -1.31 2.64
C THR A 44 -11.82 -0.54 3.66
N THR A 45 -13.11 -0.45 3.43
CA THR A 45 -14.02 0.26 4.33
C THR A 45 -14.12 -0.47 5.66
N GLY A 46 -13.80 -1.77 5.65
CA GLY A 46 -13.86 -2.56 6.85
C GLY A 46 -12.54 -2.66 7.61
N GLU A 47 -11.59 -1.80 7.23
CA GLU A 47 -10.27 -1.74 7.87
C GLU A 47 -9.51 -3.07 7.83
N ALA A 48 -9.49 -3.69 6.65
CA ALA A 48 -8.77 -4.95 6.48
C ALA A 48 -7.31 -4.83 6.92
N SER A 49 -6.72 -3.68 6.63
CA SER A 49 -5.32 -3.41 6.95
C SER A 49 -4.95 -3.54 8.42
N THR A 50 -5.85 -3.14 9.31
CA THR A 50 -5.56 -3.18 10.73
C THR A 50 -6.15 -4.33 11.54
N LEU A 51 -6.81 -5.27 10.87
CA LEU A 51 -7.37 -6.44 11.55
C LEU A 51 -6.38 -7.58 11.44
N SER A 52 -6.30 -8.39 12.49
CA SER A 52 -5.37 -9.53 12.46
C SER A 52 -5.96 -10.62 11.58
N MET A 53 -5.14 -11.63 11.30
CA MET A 53 -5.55 -12.76 10.49
C MET A 53 -6.77 -13.43 11.12
N GLU A 54 -6.75 -13.66 12.41
CA GLU A 54 -7.85 -14.25 13.10
C GLU A 54 -9.10 -13.40 13.06
N GLU A 55 -8.94 -12.11 13.24
CA GLU A 55 -10.09 -11.21 13.20
C GLU A 55 -10.71 -11.16 11.81
N HIS A 56 -9.85 -11.18 10.78
CA HIS A 56 -10.29 -11.16 9.40
C HIS A 56 -11.26 -12.32 9.23
N THR A 57 -10.88 -13.50 9.69
CA THR A 57 -11.69 -14.70 9.66
C THR A 57 -12.94 -14.64 10.53
N GLN A 58 -12.80 -14.17 11.75
CA GLN A 58 -13.95 -14.03 12.64
C GLN A 58 -15.04 -13.16 12.03
N VAL A 59 -14.63 -12.00 11.52
CA VAL A 59 -15.58 -11.07 10.92
C VAL A 59 -16.30 -11.67 9.72
N ILE A 60 -15.56 -12.38 8.87
CA ILE A 60 -16.21 -13.01 7.72
C ILE A 60 -17.20 -14.06 8.24
N LYS A 61 -16.75 -14.88 9.18
CA LYS A 61 -17.59 -15.93 9.74
C LYS A 61 -18.85 -15.36 10.35
N GLU A 62 -18.71 -14.26 11.08
CA GLU A 62 -19.87 -13.62 11.71
C GLU A 62 -20.88 -13.05 10.74
N ILE A 63 -20.40 -12.38 9.69
CA ILE A 63 -21.31 -11.80 8.72
C ILE A 63 -22.05 -12.90 7.96
N ILE A 64 -21.35 -13.98 7.66
CA ILE A 64 -21.98 -15.11 6.97
C ILE A 64 -23.02 -15.74 7.89
N ARG A 65 -22.67 -15.94 9.16
CA ARG A 65 -23.62 -16.52 10.11
C ARG A 65 -24.89 -15.71 10.22
N VAL A 66 -24.75 -14.40 10.45
CA VAL A 66 -25.92 -13.55 10.59
C VAL A 66 -26.71 -13.36 9.30
N ALA A 67 -26.02 -13.28 8.16
CA ALA A 67 -26.71 -13.11 6.89
C ALA A 67 -27.59 -14.34 6.60
N ASN A 68 -27.11 -15.49 7.04
CA ASN A 68 -27.83 -16.75 6.88
C ASN A 68 -28.34 -17.01 5.46
N LYS A 69 -27.44 -16.90 4.48
CA LYS A 69 -27.73 -17.15 3.07
C LYS A 69 -28.79 -16.27 2.40
N ARG A 70 -29.24 -15.22 3.08
CA ARG A 70 -30.25 -14.33 2.50
C ARG A 70 -29.74 -13.44 1.37
N ILE A 71 -28.46 -13.07 1.41
CA ILE A 71 -27.84 -12.27 0.35
C ILE A 71 -26.41 -12.76 0.23
N PRO A 72 -25.82 -12.66 -0.98
CA PRO A 72 -24.45 -13.15 -1.08
C PRO A 72 -23.47 -12.29 -0.30
N ILE A 73 -22.43 -12.93 0.22
CA ILE A 73 -21.39 -12.26 0.97
C ILE A 73 -20.07 -12.38 0.24
N ILE A 74 -19.44 -11.23 0.00
CA ILE A 74 -18.16 -11.18 -0.67
C ILE A 74 -17.08 -10.88 0.36
N ALA A 75 -16.02 -11.68 0.37
CA ALA A 75 -14.95 -11.49 1.34
C ALA A 75 -13.77 -10.74 0.76
N GLY A 76 -13.32 -9.70 1.46
CA GLY A 76 -12.16 -8.95 1.02
C GLY A 76 -10.96 -9.83 1.34
N THR A 77 -10.20 -10.20 0.32
CA THR A 77 -9.04 -11.07 0.53
C THR A 77 -7.77 -10.61 -0.19
N GLY A 78 -7.70 -9.33 -0.53
CA GLY A 78 -6.52 -8.81 -1.21
C GLY A 78 -5.29 -8.68 -0.30
N ALA A 79 -4.12 -8.72 -0.92
CA ALA A 79 -2.84 -8.60 -0.22
C ALA A 79 -1.83 -8.20 -1.28
N ASN A 80 -0.70 -7.62 -0.88
CA ASN A 80 0.27 -7.22 -1.91
C ASN A 80 1.30 -8.30 -2.18
N SER A 81 1.05 -9.48 -1.60
CA SER A 81 1.89 -10.65 -1.78
C SER A 81 0.95 -11.70 -2.35
N THR A 82 1.33 -12.31 -3.47
CA THR A 82 0.49 -13.32 -4.10
C THR A 82 0.23 -14.51 -3.18
N ARG A 83 1.27 -14.92 -2.45
CA ARG A 83 1.19 -16.02 -1.51
C ARG A 83 0.10 -15.74 -0.47
N GLU A 84 0.15 -14.54 0.11
CA GLU A 84 -0.82 -14.17 1.14
C GLU A 84 -2.26 -14.05 0.59
N ALA A 85 -2.40 -13.52 -0.62
CA ALA A 85 -3.73 -13.38 -1.21
C ALA A 85 -4.34 -14.77 -1.41
N ILE A 86 -3.51 -15.73 -1.80
CA ILE A 86 -4.02 -17.08 -2.01
C ILE A 86 -4.51 -17.64 -0.67
N GLU A 87 -3.74 -17.43 0.39
CA GLU A 87 -4.11 -17.90 1.73
C GLU A 87 -5.46 -17.34 2.18
N LEU A 88 -5.60 -16.01 2.10
CA LEU A 88 -6.82 -15.34 2.51
C LEU A 88 -8.03 -15.75 1.68
N THR A 89 -7.82 -15.89 0.38
CA THR A 89 -8.89 -16.28 -0.52
C THR A 89 -9.36 -17.71 -0.22
N LYS A 90 -8.43 -18.61 0.11
CA LYS A 90 -8.79 -19.98 0.45
C LYS A 90 -9.57 -20.00 1.76
N ALA A 91 -9.12 -19.19 2.71
CA ALA A 91 -9.80 -19.09 3.99
C ALA A 91 -11.23 -18.68 3.73
N ALA A 92 -11.39 -17.70 2.86
CA ALA A 92 -12.71 -17.19 2.51
C ALA A 92 -13.59 -18.25 1.87
N LYS A 93 -13.03 -19.01 0.93
CA LYS A 93 -13.79 -20.07 0.27
C LYS A 93 -14.23 -21.05 1.35
N ASP A 94 -13.30 -21.43 2.20
CA ASP A 94 -13.57 -22.38 3.27
C ASP A 94 -14.63 -21.92 4.27
N LEU A 95 -14.74 -20.60 4.47
CA LEU A 95 -15.73 -20.08 5.41
C LEU A 95 -17.10 -19.96 4.76
N GLY A 96 -17.17 -20.21 3.47
CA GLY A 96 -18.45 -20.16 2.77
C GLY A 96 -18.76 -18.87 2.03
N ALA A 97 -17.76 -18.03 1.82
CA ALA A 97 -17.98 -16.79 1.09
C ALA A 97 -18.45 -17.09 -0.32
N ASP A 98 -19.32 -16.24 -0.86
CA ASP A 98 -19.83 -16.44 -2.21
C ASP A 98 -18.85 -16.00 -3.28
N ALA A 99 -18.01 -15.04 -2.94
CA ALA A 99 -17.00 -14.52 -3.86
C ALA A 99 -15.97 -13.79 -3.01
N ALA A 100 -14.87 -13.39 -3.64
CA ALA A 100 -13.83 -12.67 -2.94
C ALA A 100 -13.49 -11.42 -3.75
N LEU A 101 -13.13 -10.35 -3.04
CA LEU A 101 -12.79 -9.10 -3.68
C LEU A 101 -11.31 -8.89 -3.42
N LEU A 102 -10.52 -8.71 -4.48
CA LEU A 102 -9.08 -8.53 -4.30
C LEU A 102 -8.51 -7.26 -4.91
N VAL A 103 -8.13 -6.32 -4.05
CA VAL A 103 -7.52 -5.08 -4.52
C VAL A 103 -6.18 -5.45 -5.15
N THR A 104 -5.74 -4.67 -6.13
CA THR A 104 -4.47 -4.91 -6.76
C THR A 104 -3.40 -4.74 -5.70
N PRO A 105 -2.32 -5.52 -5.79
CA PRO A 105 -1.26 -5.36 -4.78
C PRO A 105 -0.90 -3.87 -4.70
N TYR A 106 -0.78 -3.36 -3.47
CA TYR A 106 -0.48 -1.97 -3.25
C TYR A 106 0.95 -1.79 -2.76
N TYR A 107 1.43 -0.56 -2.90
CA TYR A 107 2.78 -0.16 -2.46
C TYR A 107 3.96 -0.78 -3.22
N ASN A 108 3.93 -2.06 -3.58
CA ASN A 108 5.07 -2.64 -4.31
C ASN A 108 5.06 -2.51 -5.84
N LYS A 109 4.04 -1.84 -6.37
CA LYS A 109 3.88 -1.55 -7.81
C LYS A 109 4.25 -2.60 -8.86
N PRO A 110 3.54 -3.73 -8.90
CA PRO A 110 3.89 -4.73 -9.92
C PRO A 110 3.60 -4.20 -11.35
N THR A 111 4.23 -4.82 -12.35
CA THR A 111 4.03 -4.45 -13.75
C THR A 111 2.65 -4.95 -14.16
N GLN A 112 2.19 -4.59 -15.35
CA GLN A 112 0.90 -5.08 -15.79
C GLN A 112 0.91 -6.60 -15.88
N GLU A 113 2.01 -7.16 -16.36
CA GLU A 113 2.12 -8.60 -16.48
C GLU A 113 2.14 -9.24 -15.09
N GLY A 114 2.74 -8.53 -14.14
CA GLY A 114 2.79 -9.03 -12.78
C GLY A 114 1.39 -9.10 -12.20
N LEU A 115 0.58 -8.09 -12.47
CA LEU A 115 -0.79 -8.05 -11.99
C LEU A 115 -1.55 -9.20 -12.64
N TYR A 116 -1.27 -9.44 -13.92
CA TYR A 116 -1.93 -10.52 -14.64
C TYR A 116 -1.58 -11.87 -13.98
N GLN A 117 -0.30 -12.09 -13.76
CA GLN A 117 0.17 -13.33 -13.13
C GLN A 117 -0.31 -13.48 -11.69
N HIS A 118 -0.39 -12.36 -10.97
CA HIS A 118 -0.85 -12.36 -9.59
C HIS A 118 -2.26 -12.95 -9.53
N TYR A 119 -3.17 -12.34 -10.27
CA TYR A 119 -4.57 -12.78 -10.30
C TYR A 119 -4.75 -14.15 -10.96
N LYS A 120 -3.90 -14.47 -11.93
CA LYS A 120 -4.01 -15.77 -12.59
C LYS A 120 -3.68 -16.86 -11.58
N ALA A 121 -2.63 -16.65 -10.81
CA ALA A 121 -2.19 -17.61 -9.82
C ALA A 121 -3.26 -17.86 -8.75
N ILE A 122 -3.94 -16.80 -8.32
CA ILE A 122 -4.98 -16.94 -7.30
C ILE A 122 -6.19 -17.68 -7.86
N ALA A 123 -6.58 -17.32 -9.08
CA ALA A 123 -7.72 -17.93 -9.75
C ALA A 123 -7.49 -19.43 -9.95
N GLU A 124 -6.24 -19.80 -10.23
CA GLU A 124 -5.92 -21.20 -10.45
C GLU A 124 -5.73 -21.96 -9.13
N ALA A 125 -5.44 -21.25 -8.06
CA ALA A 125 -5.23 -21.89 -6.76
C ALA A 125 -6.53 -22.08 -5.98
N VAL A 126 -7.50 -21.19 -6.18
CA VAL A 126 -8.76 -21.27 -5.43
C VAL A 126 -9.98 -21.26 -6.35
N GLU A 127 -10.82 -22.28 -6.24
CA GLU A 127 -12.03 -22.33 -7.06
C GLU A 127 -13.09 -21.51 -6.33
N LEU A 128 -13.11 -20.22 -6.63
CA LEU A 128 -14.04 -19.28 -6.03
C LEU A 128 -14.16 -18.07 -6.95
N PRO A 129 -15.38 -17.51 -7.09
CA PRO A 129 -15.56 -16.34 -7.95
C PRO A 129 -14.74 -15.17 -7.43
N LEU A 130 -13.91 -14.58 -8.30
CA LEU A 130 -13.04 -13.48 -7.88
C LEU A 130 -13.39 -12.15 -8.55
N ILE A 131 -13.39 -11.09 -7.77
CA ILE A 131 -13.64 -9.77 -8.30
C ILE A 131 -12.38 -8.94 -8.14
N LEU A 132 -11.89 -8.39 -9.25
CA LEU A 132 -10.70 -7.55 -9.23
C LEU A 132 -11.10 -6.21 -8.63
N TYR A 133 -10.12 -5.40 -8.19
CA TYR A 133 -10.43 -4.10 -7.66
C TYR A 133 -9.27 -3.14 -7.84
N ASN A 134 -9.53 -2.15 -8.65
CA ASN A 134 -8.58 -1.13 -9.03
C ASN A 134 -8.90 0.23 -8.43
N VAL A 135 -7.97 0.76 -7.65
CA VAL A 135 -8.12 2.06 -7.00
C VAL A 135 -6.69 2.64 -6.94
N PRO A 136 -6.19 3.07 -8.09
CA PRO A 136 -4.83 3.59 -8.21
C PRO A 136 -4.43 4.56 -7.11
N GLY A 137 -5.27 5.56 -6.84
CA GLY A 137 -4.90 6.59 -5.88
C GLY A 137 -4.39 6.04 -4.55
N ARG A 138 -4.84 4.84 -4.19
CA ARG A 138 -4.44 4.19 -2.94
C ARG A 138 -3.28 3.21 -3.06
N THR A 139 -3.27 2.47 -4.17
CA THR A 139 -2.29 1.41 -4.40
C THR A 139 -0.96 1.77 -5.04
N GLY A 140 -0.94 2.81 -5.87
CA GLY A 140 0.30 3.18 -6.54
C GLY A 140 0.43 2.47 -7.87
N VAL A 141 -0.62 1.75 -8.26
CA VAL A 141 -0.60 1.04 -9.54
C VAL A 141 -2.01 1.07 -10.17
N ASP A 142 -2.05 1.12 -11.50
CA ASP A 142 -3.32 1.18 -12.23
C ASP A 142 -3.48 -0.04 -13.14
N LEU A 143 -4.44 -0.91 -12.79
CA LEU A 143 -4.73 -2.08 -13.61
C LEU A 143 -5.45 -1.55 -14.84
N SER A 144 -4.78 -1.57 -15.99
CA SER A 144 -5.37 -1.05 -17.23
C SER A 144 -6.58 -1.84 -17.73
N ASN A 145 -7.39 -1.20 -18.57
CA ASN A 145 -8.55 -1.84 -19.16
C ASN A 145 -8.10 -3.06 -19.95
N ASP A 146 -6.99 -2.91 -20.69
CA ASP A 146 -6.45 -4.01 -21.48
C ASP A 146 -6.13 -5.21 -20.59
N THR A 147 -5.48 -4.97 -19.46
CA THR A 147 -5.14 -6.06 -18.55
C THR A 147 -6.41 -6.67 -17.97
N ALA A 148 -7.39 -5.81 -17.66
CA ALA A 148 -8.66 -6.30 -17.12
C ALA A 148 -9.37 -7.19 -18.14
N VAL A 149 -9.30 -6.81 -19.42
CA VAL A 149 -9.95 -7.60 -20.47
C VAL A 149 -9.27 -8.96 -20.63
N ARG A 150 -7.95 -9.00 -20.43
CA ARG A 150 -7.22 -10.27 -20.54
C ARG A 150 -7.61 -11.17 -19.38
N LEU A 151 -7.69 -10.58 -18.19
CA LEU A 151 -8.05 -11.32 -17.00
C LEU A 151 -9.48 -11.84 -17.06
N ALA A 152 -10.34 -11.15 -17.79
CA ALA A 152 -11.73 -11.56 -17.91
C ALA A 152 -11.79 -12.93 -18.59
N GLU A 153 -10.71 -13.29 -19.29
CA GLU A 153 -10.66 -14.57 -19.99
C GLU A 153 -10.38 -15.74 -19.03
N ILE A 154 -9.84 -15.44 -17.85
CA ILE A 154 -9.51 -16.48 -16.88
C ILE A 154 -10.73 -17.01 -16.13
N PRO A 155 -10.82 -18.35 -16.01
CA PRO A 155 -11.95 -18.93 -15.29
C PRO A 155 -11.85 -18.52 -13.81
N ASN A 156 -12.97 -18.15 -13.25
CA ASN A 156 -13.08 -17.69 -11.87
C ASN A 156 -12.96 -16.14 -11.66
N ILE A 157 -12.55 -15.42 -12.67
CA ILE A 157 -12.50 -13.96 -12.56
C ILE A 157 -13.80 -13.51 -13.19
N VAL A 158 -14.74 -13.15 -12.34
CA VAL A 158 -16.09 -12.80 -12.75
C VAL A 158 -16.41 -11.31 -12.73
N GLY A 159 -15.44 -10.47 -12.39
CA GLY A 159 -15.72 -9.05 -12.38
C GLY A 159 -14.60 -8.16 -11.91
N ILE A 160 -14.85 -6.86 -11.94
CA ILE A 160 -13.88 -5.87 -11.50
C ILE A 160 -14.57 -4.66 -10.89
N LYS A 161 -14.04 -4.20 -9.77
CA LYS A 161 -14.56 -3.02 -9.09
C LYS A 161 -13.68 -1.89 -9.58
N ASP A 162 -14.28 -1.00 -10.37
CA ASP A 162 -13.58 0.14 -10.97
C ASP A 162 -13.81 1.36 -10.12
N ALA A 163 -12.82 1.71 -9.29
CA ALA A 163 -12.94 2.87 -8.42
C ALA A 163 -12.31 4.13 -8.98
N THR A 164 -12.01 4.14 -10.27
CA THR A 164 -11.40 5.32 -10.89
C THR A 164 -12.31 6.54 -10.88
N GLY A 165 -13.60 6.32 -11.06
CA GLY A 165 -14.52 7.45 -11.10
C GLY A 165 -14.43 8.15 -12.44
N ASP A 166 -13.74 7.49 -13.37
CA ASP A 166 -13.56 7.98 -14.73
C ASP A 166 -14.58 7.23 -15.58
N VAL A 167 -15.74 7.84 -15.77
CA VAL A 167 -16.84 7.21 -16.52
C VAL A 167 -16.53 6.83 -17.97
N PRO A 168 -15.89 7.73 -18.76
CA PRO A 168 -15.58 7.37 -20.15
C PRO A 168 -14.77 6.08 -20.18
N ARG A 169 -13.79 6.01 -19.30
CA ARG A 169 -12.91 4.86 -19.18
C ARG A 169 -13.71 3.63 -18.74
N GLY A 170 -14.67 3.84 -17.84
CA GLY A 170 -15.47 2.72 -17.36
C GLY A 170 -16.37 2.16 -18.46
N LYS A 171 -16.96 3.06 -19.24
CA LYS A 171 -17.83 2.69 -20.35
C LYS A 171 -17.00 1.93 -21.40
N ALA A 172 -15.79 2.40 -21.63
CA ALA A 172 -14.91 1.76 -22.59
C ALA A 172 -14.62 0.32 -22.13
N LEU A 173 -14.40 0.14 -20.83
CA LEU A 173 -14.14 -1.19 -20.29
C LEU A 173 -15.35 -2.09 -20.49
N ILE A 174 -16.53 -1.58 -20.14
CA ILE A 174 -17.76 -2.34 -20.30
C ILE A 174 -17.98 -2.76 -21.75
N ASP A 175 -17.79 -1.82 -22.68
CA ASP A 175 -17.97 -2.12 -24.09
C ASP A 175 -16.95 -3.15 -24.59
N ALA A 176 -15.71 -3.04 -24.12
CA ALA A 176 -14.68 -3.96 -24.57
C ALA A 176 -14.89 -5.38 -24.03
N LEU A 177 -15.45 -5.47 -22.83
CA LEU A 177 -15.72 -6.76 -22.21
C LEU A 177 -16.88 -7.48 -22.87
N ASN A 178 -17.87 -6.69 -23.32
CA ASN A 178 -19.05 -7.23 -23.98
C ASN A 178 -19.65 -8.42 -23.22
N GLY A 179 -19.81 -8.24 -21.90
CA GLY A 179 -20.40 -9.26 -21.06
C GLY A 179 -19.52 -10.37 -20.52
N LYS A 180 -18.24 -10.38 -20.89
CA LYS A 180 -17.32 -11.43 -20.45
C LYS A 180 -17.19 -11.48 -18.92
N MET A 181 -17.25 -10.32 -18.27
CA MET A 181 -17.22 -10.26 -16.81
C MET A 181 -17.93 -9.00 -16.38
N ALA A 182 -18.36 -8.96 -15.12
CA ALA A 182 -19.08 -7.81 -14.61
C ALA A 182 -18.20 -6.62 -14.28
N VAL A 183 -18.79 -5.43 -14.28
CA VAL A 183 -18.09 -4.22 -13.91
C VAL A 183 -18.93 -3.60 -12.80
N TYR A 184 -18.27 -3.27 -11.68
CA TYR A 184 -18.94 -2.64 -10.56
C TYR A 184 -18.29 -1.29 -10.33
N SER A 185 -19.10 -0.32 -9.96
CA SER A 185 -18.54 0.98 -9.67
C SER A 185 -17.92 0.92 -8.27
N GLY A 186 -16.83 1.65 -8.11
CA GLY A 186 -16.16 1.73 -6.81
C GLY A 186 -16.07 3.20 -6.45
N ASP A 187 -16.94 3.99 -7.10
CA ASP A 187 -17.00 5.43 -6.88
C ASP A 187 -18.47 5.86 -6.77
N ASP A 188 -18.93 6.07 -5.54
CA ASP A 188 -20.32 6.46 -5.30
C ASP A 188 -20.79 7.68 -6.09
N GLU A 189 -19.93 8.68 -6.25
CA GLU A 189 -20.29 9.90 -6.98
C GLU A 189 -20.79 9.64 -8.39
N THR A 190 -20.16 8.69 -9.07
CA THR A 190 -20.50 8.38 -10.46
C THR A 190 -21.14 7.02 -10.68
N ALA A 191 -21.36 6.26 -9.61
CA ALA A 191 -21.94 4.94 -9.72
C ALA A 191 -23.22 4.87 -10.55
N TRP A 192 -24.16 5.79 -10.31
CA TRP A 192 -25.41 5.77 -11.07
C TRP A 192 -25.16 5.84 -12.58
N GLU A 193 -24.19 6.65 -12.98
CA GLU A 193 -23.85 6.80 -14.40
C GLU A 193 -23.30 5.50 -14.96
N LEU A 194 -22.32 4.93 -14.27
CA LEU A 194 -21.70 3.70 -14.73
C LEU A 194 -22.71 2.55 -14.84
N MET A 195 -23.69 2.53 -13.94
CA MET A 195 -24.69 1.48 -13.99
C MET A 195 -25.64 1.71 -15.15
N LEU A 196 -25.93 2.97 -15.45
CA LEU A 196 -26.81 3.28 -16.57
C LEU A 196 -26.10 2.86 -17.86
N LEU A 197 -24.78 2.88 -17.82
CA LEU A 197 -23.98 2.52 -18.98
C LEU A 197 -23.64 1.04 -19.04
N GLY A 198 -24.13 0.25 -18.09
CA GLY A 198 -23.86 -1.19 -18.14
C GLY A 198 -23.23 -1.89 -16.95
N ALA A 199 -22.86 -1.15 -15.91
CA ALA A 199 -22.27 -1.77 -14.73
C ALA A 199 -23.33 -2.58 -13.99
N ASP A 200 -22.93 -3.70 -13.40
CA ASP A 200 -23.86 -4.56 -12.66
C ASP A 200 -24.18 -4.12 -11.24
N GLY A 201 -23.49 -3.10 -10.76
CA GLY A 201 -23.76 -2.65 -9.41
C GLY A 201 -22.79 -1.62 -8.90
N ASN A 202 -22.89 -1.36 -7.60
CA ASN A 202 -22.06 -0.38 -6.92
C ASN A 202 -21.58 -0.95 -5.59
N ILE A 203 -20.29 -1.13 -5.50
CA ILE A 203 -19.71 -1.58 -4.28
C ILE A 203 -19.50 -0.31 -3.52
N SER A 204 -20.52 0.05 -2.76
CA SER A 204 -20.66 1.38 -2.19
C SER A 204 -20.17 1.58 -0.75
N VAL A 205 -19.84 2.83 -0.46
CA VAL A 205 -19.48 3.30 0.87
C VAL A 205 -20.75 3.99 1.40
N THR A 206 -21.40 4.76 0.54
CA THR A 206 -22.63 5.47 0.93
C THR A 206 -23.73 4.52 1.40
N ALA A 207 -23.79 3.32 0.82
CA ALA A 207 -24.81 2.35 1.20
C ALA A 207 -24.73 1.99 2.68
N ASN A 208 -23.61 2.33 3.31
CA ASN A 208 -23.42 2.06 4.74
C ASN A 208 -24.41 2.86 5.57
N ILE A 209 -24.74 4.06 5.12
CA ILE A 209 -25.65 4.89 5.88
C ILE A 209 -27.01 5.10 5.24
N ALA A 210 -27.12 4.86 3.94
CA ALA A 210 -28.40 4.99 3.23
C ALA A 210 -28.60 3.74 2.37
N PRO A 211 -28.64 2.56 3.01
CA PRO A 211 -28.81 1.30 2.28
C PRO A 211 -30.09 1.22 1.44
N LYS A 212 -31.20 1.72 1.96
CA LYS A 212 -32.45 1.67 1.20
C LYS A 212 -32.37 2.56 -0.04
N ALA A 213 -31.99 3.82 0.14
CA ALA A 213 -31.88 4.75 -0.98
C ALA A 213 -30.90 4.25 -2.05
N MET A 214 -29.75 3.73 -1.63
CA MET A 214 -28.78 3.26 -2.62
C MET A 214 -29.27 1.99 -3.29
N SER A 215 -30.09 1.22 -2.58
CA SER A 215 -30.62 -0.01 -3.16
C SER A 215 -31.50 0.39 -4.34
N GLU A 216 -32.33 1.41 -4.11
CA GLU A 216 -33.24 1.91 -5.13
C GLU A 216 -32.50 2.54 -6.31
N VAL A 217 -31.44 3.29 -6.02
CA VAL A 217 -30.67 3.92 -7.09
C VAL A 217 -30.08 2.86 -8.03
N CYS A 218 -29.50 1.81 -7.46
CA CYS A 218 -28.90 0.75 -8.25
C CYS A 218 -29.95 0.02 -9.08
N ALA A 219 -31.10 -0.25 -8.48
CA ALA A 219 -32.18 -0.95 -9.17
C ALA A 219 -32.63 -0.22 -10.43
N VAL A 220 -32.97 1.06 -10.32
CA VAL A 220 -33.45 1.80 -11.48
C VAL A 220 -32.36 2.10 -12.49
N ALA A 221 -31.11 2.21 -12.04
CA ALA A 221 -30.00 2.49 -12.94
C ALA A 221 -29.73 1.25 -13.76
N ILE A 222 -29.80 0.09 -13.11
CA ILE A 222 -29.58 -1.17 -13.80
C ILE A 222 -30.70 -1.38 -14.81
N ALA A 223 -31.88 -0.86 -14.49
CA ALA A 223 -33.05 -0.97 -15.36
C ALA A 223 -32.97 0.03 -16.51
N LYS A 224 -31.93 0.85 -16.52
CA LYS A 224 -31.69 1.85 -17.56
C LYS A 224 -32.72 2.97 -17.60
N ASP A 225 -33.27 3.31 -16.44
CA ASP A 225 -34.23 4.40 -16.33
C ASP A 225 -33.39 5.62 -15.95
N GLU A 226 -32.90 6.36 -16.95
CA GLU A 226 -32.06 7.53 -16.68
C GLU A 226 -32.69 8.62 -15.81
N GLN A 227 -33.97 8.93 -16.05
CA GLN A 227 -34.65 9.97 -15.27
C GLN A 227 -34.76 9.61 -13.78
N GLN A 228 -35.17 8.38 -13.49
CA GLN A 228 -35.32 7.93 -12.10
C GLN A 228 -33.97 7.80 -11.40
N ALA A 229 -32.99 7.23 -12.10
CA ALA A 229 -31.65 7.06 -11.57
C ALA A 229 -31.10 8.39 -11.08
N LYS A 230 -31.20 9.40 -11.95
CA LYS A 230 -30.70 10.74 -11.68
C LYS A 230 -31.49 11.41 -10.56
N THR A 231 -32.80 11.17 -10.53
CA THR A 231 -33.65 11.76 -9.50
C THR A 231 -33.35 11.18 -8.12
N LEU A 232 -33.25 9.86 -8.04
CA LEU A 232 -32.98 9.22 -6.77
C LEU A 232 -31.56 9.47 -6.28
N ASN A 233 -30.58 9.50 -7.19
CA ASN A 233 -29.20 9.74 -6.78
C ASN A 233 -29.03 11.15 -6.22
N ASN A 234 -29.74 12.12 -6.81
CA ASN A 234 -29.64 13.51 -6.36
C ASN A 234 -29.95 13.65 -4.88
N LYS A 235 -30.84 12.80 -4.38
CA LYS A 235 -31.25 12.83 -2.98
C LYS A 235 -30.11 12.47 -2.03
N ILE A 236 -29.18 11.63 -2.48
CA ILE A 236 -28.07 11.25 -1.62
C ILE A 236 -26.71 11.65 -2.19
N ALA A 237 -26.72 12.53 -3.19
CA ALA A 237 -25.49 12.97 -3.86
C ALA A 237 -24.47 13.70 -2.98
N ASN A 238 -24.90 14.55 -2.07
CA ASN A 238 -23.93 15.23 -1.19
C ASN A 238 -23.28 14.25 -0.24
N LEU A 239 -23.95 13.15 -0.01
CA LEU A 239 -23.40 12.16 0.91
C LEU A 239 -22.17 11.53 0.25
N HIS A 240 -22.27 11.25 -1.05
CA HIS A 240 -21.16 10.66 -1.78
C HIS A 240 -19.91 11.52 -1.66
N ASN A 241 -20.10 12.82 -1.44
CA ASN A 241 -18.96 13.73 -1.33
C ASN A 241 -18.45 13.89 0.10
N ILE A 242 -19.36 14.10 1.05
CA ILE A 242 -18.96 14.31 2.42
C ILE A 242 -18.34 13.08 3.09
N LEU A 243 -18.66 11.88 2.59
CA LEU A 243 -18.12 10.66 3.16
C LEU A 243 -16.65 10.45 2.81
N PHE A 244 -16.05 11.44 2.15
CA PHE A 244 -14.65 11.37 1.77
C PHE A 244 -13.89 12.64 2.13
N CYS A 245 -14.43 13.42 3.07
CA CYS A 245 -13.76 14.65 3.49
C CYS A 245 -12.39 14.30 4.09
N GLU A 246 -12.30 13.10 4.65
CA GLU A 246 -11.06 12.55 5.19
C GLU A 246 -11.11 11.13 4.63
N SER A 247 -9.98 10.45 4.54
CA SER A 247 -9.95 9.10 3.98
C SER A 247 -10.97 8.10 4.52
N ASN A 248 -11.72 7.50 3.59
CA ASN A 248 -12.69 6.47 3.92
C ASN A 248 -11.83 5.40 4.59
N PRO A 249 -12.34 4.73 5.65
CA PRO A 249 -13.65 4.87 6.29
C PRO A 249 -13.79 5.83 7.47
N ILE A 250 -12.88 6.80 7.61
CA ILE A 250 -13.01 7.71 8.73
C ILE A 250 -14.36 8.44 8.82
N PRO A 251 -14.82 9.08 7.74
CA PRO A 251 -16.11 9.77 7.82
C PRO A 251 -17.31 8.85 7.98
N VAL A 252 -17.32 7.74 7.22
CA VAL A 252 -18.46 6.84 7.30
C VAL A 252 -18.61 6.20 8.68
N LYS A 253 -17.50 5.90 9.36
CA LYS A 253 -17.62 5.31 10.69
C LYS A 253 -18.18 6.36 11.64
N TRP A 254 -17.82 7.63 11.45
CA TRP A 254 -18.35 8.67 12.33
C TRP A 254 -19.83 8.86 12.05
N ALA A 255 -20.20 8.78 10.78
CA ALA A 255 -21.59 8.96 10.39
C ALA A 255 -22.44 7.90 11.09
N LEU A 256 -21.98 6.65 11.06
CA LEU A 256 -22.72 5.59 11.71
C LEU A 256 -22.77 5.81 13.22
N HIS A 257 -21.73 6.43 13.77
CA HIS A 257 -21.71 6.71 15.20
C HIS A 257 -22.78 7.75 15.52
N GLU A 258 -22.89 8.77 14.68
CA GLU A 258 -23.88 9.82 14.88
C GLU A 258 -25.29 9.22 14.74
N MET A 259 -25.40 8.16 13.96
CA MET A 259 -26.67 7.48 13.75
C MET A 259 -27.01 6.54 14.90
N GLY A 260 -26.09 6.43 15.86
CA GLY A 260 -26.30 5.56 17.01
C GLY A 260 -26.13 4.08 16.75
N LEU A 261 -25.51 3.73 15.62
CA LEU A 261 -25.33 2.33 15.26
C LEU A 261 -24.02 1.68 15.69
N ILE A 262 -22.94 2.45 15.84
CA ILE A 262 -21.66 1.91 16.28
C ILE A 262 -20.95 2.89 17.20
N ASP A 263 -19.92 2.42 17.91
CA ASP A 263 -19.17 3.29 18.80
C ASP A 263 -18.04 3.93 17.99
N THR A 264 -17.19 4.70 18.67
CA THR A 264 -16.12 5.44 18.01
C THR A 264 -14.83 4.72 17.62
N GLY A 265 -14.71 3.43 17.94
CA GLY A 265 -13.49 2.73 17.63
C GLY A 265 -13.04 2.72 16.19
N ILE A 266 -11.73 2.88 15.98
CA ILE A 266 -11.11 2.88 14.66
C ILE A 266 -9.62 2.76 14.96
N ARG A 267 -8.92 1.90 14.23
CA ARG A 267 -7.52 1.61 14.52
C ARG A 267 -6.43 2.42 13.83
N LEU A 268 -5.44 2.82 14.61
CA LEU A 268 -4.30 3.59 14.08
C LEU A 268 -3.70 2.75 12.96
N PRO A 269 -3.15 3.39 11.93
CA PRO A 269 -3.04 4.84 11.76
C PRO A 269 -4.30 5.64 11.46
N LEU A 270 -5.45 5.00 11.28
CA LEU A 270 -6.67 5.79 11.04
C LEU A 270 -7.06 6.44 12.37
N THR A 271 -7.79 7.54 12.29
CA THR A 271 -8.20 8.30 13.47
C THR A 271 -9.66 8.71 13.42
N PRO A 272 -10.31 8.90 14.57
CA PRO A 272 -11.71 9.30 14.47
C PRO A 272 -11.81 10.59 13.65
N LEU A 273 -12.92 10.79 12.93
CA LEU A 273 -13.07 11.98 12.10
C LEU A 273 -12.71 13.24 12.87
N ALA A 274 -11.87 14.07 12.28
CA ALA A 274 -11.44 15.30 12.94
C ALA A 274 -12.63 16.19 13.28
N GLU A 275 -12.57 16.80 14.46
CA GLU A 275 -13.64 17.67 14.95
C GLU A 275 -14.23 18.68 13.97
N GLN A 276 -13.40 19.37 13.18
CA GLN A 276 -13.91 20.37 12.25
C GLN A 276 -14.87 19.81 11.19
N TYR A 277 -14.87 18.50 10.99
CA TYR A 277 -15.74 17.86 10.00
C TYR A 277 -17.02 17.28 10.56
N ARG A 278 -17.15 17.24 11.87
CA ARG A 278 -18.34 16.65 12.47
C ARG A 278 -19.67 17.37 12.28
N GLU A 279 -19.71 18.69 12.50
CA GLU A 279 -20.97 19.42 12.30
C GLU A 279 -21.42 19.34 10.84
N PRO A 280 -20.51 19.59 9.89
CA PRO A 280 -20.90 19.52 8.49
C PRO A 280 -21.47 18.14 8.17
N LEU A 281 -20.86 17.11 8.73
CA LEU A 281 -21.32 15.76 8.49
C LEU A 281 -22.71 15.58 9.10
N ARG A 282 -22.88 16.03 10.34
CA ARG A 282 -24.18 15.90 10.98
C ARG A 282 -25.26 16.63 10.16
N ASN A 283 -24.94 17.81 9.65
CA ASN A 283 -25.88 18.58 8.82
C ASN A 283 -26.28 17.78 7.60
N ALA A 284 -25.28 17.22 6.91
CA ALA A 284 -25.51 16.43 5.71
C ALA A 284 -26.47 15.28 5.99
N LEU A 285 -26.30 14.63 7.14
CA LEU A 285 -27.15 13.50 7.51
C LEU A 285 -28.57 13.96 7.79
N LYS A 286 -28.70 15.13 8.42
CA LYS A 286 -30.01 15.68 8.71
C LYS A 286 -30.68 16.05 7.39
N ASP A 287 -29.92 16.69 6.51
CA ASP A 287 -30.41 17.10 5.21
C ASP A 287 -30.90 15.93 4.36
N ALA A 288 -30.20 14.80 4.44
CA ALA A 288 -30.55 13.63 3.65
C ALA A 288 -31.62 12.81 4.36
N GLY A 289 -32.06 13.30 5.51
CA GLY A 289 -33.08 12.62 6.28
C GLY A 289 -32.61 11.39 7.05
N ILE A 290 -31.30 11.18 7.12
CA ILE A 290 -30.78 10.03 7.85
C ILE A 290 -30.93 10.15 9.38
N ILE A 291 -30.65 11.32 9.94
CA ILE A 291 -30.83 11.49 11.39
C ILE A 291 -31.84 12.60 11.67
N THR B 1 23.55 11.09 12.84
CA THR B 1 24.57 10.06 13.22
C THR B 1 24.89 9.04 12.11
N ILE B 2 23.95 8.19 11.67
CA ILE B 2 24.32 7.29 10.58
C ILE B 2 24.44 8.16 9.31
N GLN B 3 25.62 8.16 8.71
CA GLN B 3 25.84 8.98 7.53
C GLN B 3 26.52 8.26 6.36
N GLY B 4 26.41 8.85 5.18
CA GLY B 4 27.02 8.30 3.99
C GLY B 4 26.11 7.52 3.05
N SER B 5 26.71 6.53 2.37
CA SER B 5 25.97 5.71 1.44
C SER B 5 25.34 4.54 2.18
N ILE B 6 24.02 4.52 2.24
CA ILE B 6 23.30 3.47 2.93
C ILE B 6 22.46 2.68 1.92
N VAL B 7 22.93 1.48 1.60
CA VAL B 7 22.29 0.66 0.57
C VAL B 7 20.98 0.01 1.04
N ALA B 8 19.94 0.17 0.23
CA ALA B 8 18.66 -0.48 0.49
C ALA B 8 18.84 -1.84 -0.18
N ILE B 9 19.48 -2.75 0.54
CA ILE B 9 19.84 -4.06 0.00
C ILE B 9 18.66 -4.87 -0.51
N VAL B 10 18.88 -5.56 -1.62
CA VAL B 10 17.90 -6.48 -2.16
C VAL B 10 17.97 -7.73 -1.28
N THR B 11 16.97 -8.59 -1.39
CA THR B 11 16.98 -9.84 -0.64
C THR B 11 17.17 -10.88 -1.74
N PRO B 12 18.40 -11.40 -1.88
CA PRO B 12 18.70 -12.40 -2.90
C PRO B 12 17.83 -13.64 -2.75
N MET B 13 17.31 -14.15 -3.86
CA MET B 13 16.45 -15.33 -3.83
C MET B 13 16.83 -16.40 -4.86
N LEU B 14 16.58 -17.64 -4.50
CA LEU B 14 16.84 -18.77 -5.38
C LEU B 14 15.72 -18.71 -6.42
N LYS B 15 15.84 -19.52 -7.47
CA LYS B 15 14.81 -19.51 -8.50
C LYS B 15 13.40 -19.79 -7.98
N ASP B 16 13.28 -20.64 -6.98
CA ASP B 16 11.95 -20.95 -6.46
C ASP B 16 11.45 -19.86 -5.51
N GLY B 17 12.25 -18.82 -5.30
CA GLY B 17 11.83 -17.74 -4.44
C GLY B 17 12.36 -17.78 -3.02
N GLY B 18 12.94 -18.91 -2.62
CA GLY B 18 13.46 -19.01 -1.27
C GLY B 18 14.61 -18.04 -1.13
N VAL B 19 14.85 -17.58 0.10
CA VAL B 19 15.94 -16.65 0.37
C VAL B 19 17.28 -17.35 0.12
N ASP B 20 18.14 -16.68 -0.65
CA ASP B 20 19.47 -17.21 -0.98
C ASP B 20 20.45 -16.67 0.06
N TRP B 21 20.57 -17.39 1.18
CA TRP B 21 21.44 -16.98 2.27
C TRP B 21 22.91 -16.83 1.94
N LYS B 22 23.44 -17.75 1.14
CA LYS B 22 24.84 -17.69 0.75
C LYS B 22 25.14 -16.44 -0.06
N SER B 23 24.26 -16.11 -1.00
CA SER B 23 24.44 -14.92 -1.81
C SER B 23 24.31 -13.66 -0.96
N LEU B 24 23.41 -13.69 0.02
CA LEU B 24 23.21 -12.54 0.89
C LEU B 24 24.47 -12.25 1.70
N GLU B 25 25.06 -13.30 2.29
CA GLU B 25 26.28 -13.12 3.07
C GLU B 25 27.39 -12.51 2.23
N LYS B 26 27.56 -13.02 1.00
CA LYS B 26 28.58 -12.48 0.11
C LYS B 26 28.30 -11.01 -0.19
N LEU B 27 27.05 -10.69 -0.47
CA LEU B 27 26.67 -9.32 -0.77
C LEU B 27 27.01 -8.38 0.38
N VAL B 28 26.67 -8.77 1.61
CA VAL B 28 26.97 -7.92 2.76
C VAL B 28 28.47 -7.70 2.91
N GLU B 29 29.25 -8.77 2.75
CA GLU B 29 30.69 -8.66 2.87
C GLU B 29 31.24 -7.74 1.77
N TRP B 30 30.69 -7.89 0.58
CA TRP B 30 31.10 -7.08 -0.57
C TRP B 30 30.84 -5.60 -0.29
N HIS B 31 29.66 -5.28 0.28
CA HIS B 31 29.35 -3.90 0.60
C HIS B 31 30.31 -3.32 1.63
N ILE B 32 30.66 -4.11 2.64
CA ILE B 32 31.57 -3.61 3.66
C ILE B 32 32.95 -3.32 3.08
N GLU B 33 33.46 -4.21 2.23
CA GLU B 33 34.78 -3.97 1.65
C GLU B 33 34.81 -2.90 0.57
N GLN B 34 33.67 -2.65 -0.07
CA GLN B 34 33.59 -1.64 -1.12
C GLN B 34 33.38 -0.22 -0.64
N GLY B 35 32.98 -0.04 0.62
CA GLY B 35 32.78 1.31 1.14
C GLY B 35 31.40 1.70 1.61
N THR B 36 30.42 0.81 1.45
CA THR B 36 29.06 1.12 1.89
C THR B 36 29.10 1.40 3.39
N ASN B 37 28.44 2.47 3.82
CA ASN B 37 28.47 2.88 5.21
C ASN B 37 27.42 2.28 6.14
N SER B 38 26.34 1.75 5.55
CA SER B 38 25.26 1.16 6.33
C SER B 38 24.33 0.38 5.42
N ILE B 39 23.60 -0.57 5.99
CA ILE B 39 22.69 -1.40 5.19
C ILE B 39 21.28 -1.31 5.74
N VAL B 40 20.30 -1.13 4.87
CA VAL B 40 18.92 -1.14 5.32
C VAL B 40 18.49 -2.55 4.93
N ALA B 41 18.16 -3.36 5.94
CA ALA B 41 17.74 -4.72 5.71
C ALA B 41 16.21 -4.77 5.55
N VAL B 42 15.75 -5.63 4.65
CA VAL B 42 14.33 -5.83 4.38
C VAL B 42 13.51 -4.56 4.26
N GLY B 43 13.91 -3.68 3.34
CA GLY B 43 13.17 -2.47 3.07
C GLY B 43 12.40 -2.80 1.80
N THR B 44 11.96 -1.77 1.09
CA THR B 44 11.21 -1.87 -0.16
C THR B 44 12.00 -2.74 -1.17
N THR B 45 13.24 -2.32 -1.36
CA THR B 45 14.15 -2.92 -2.31
C THR B 45 14.45 -4.36 -1.89
N GLY B 46 14.29 -4.63 -0.60
CA GLY B 46 14.51 -5.97 -0.09
C GLY B 46 13.25 -6.83 -0.09
N GLU B 47 12.21 -6.36 -0.77
CA GLU B 47 10.94 -7.05 -0.89
C GLU B 47 10.28 -7.40 0.44
N ALA B 48 10.19 -6.41 1.33
CA ALA B 48 9.57 -6.62 2.63
C ALA B 48 8.16 -7.19 2.49
N SER B 49 7.43 -6.67 1.50
CA SER B 49 6.05 -7.07 1.23
C SER B 49 5.78 -8.57 1.03
N THR B 50 6.72 -9.27 0.40
CA THR B 50 6.53 -10.69 0.13
C THR B 50 7.29 -11.67 1.01
N LEU B 51 7.99 -11.15 2.02
CA LEU B 51 8.71 -11.98 2.96
C LEU B 51 7.80 -12.18 4.18
N SER B 52 7.83 -13.37 4.75
CA SER B 52 7.00 -13.65 5.92
C SER B 52 7.63 -13.00 7.16
N MET B 53 6.91 -13.07 8.28
CA MET B 53 7.38 -12.50 9.53
C MET B 53 8.72 -13.10 9.91
N GLU B 54 8.81 -14.42 9.81
CA GLU B 54 10.02 -15.14 10.15
C GLU B 54 11.18 -14.83 9.21
N GLU B 55 10.91 -14.79 7.91
CA GLU B 55 11.97 -14.48 6.94
C GLU B 55 12.50 -13.08 7.18
N HIS B 56 11.59 -12.18 7.56
CA HIS B 56 11.91 -10.79 7.86
C HIS B 56 12.94 -10.76 8.98
N THR B 57 12.60 -11.46 10.06
CA THR B 57 13.46 -11.56 11.24
C THR B 57 14.79 -12.21 10.89
N GLN B 58 14.74 -13.29 10.13
CA GLN B 58 15.96 -13.99 9.74
C GLN B 58 16.89 -13.18 8.84
N VAL B 59 16.34 -12.42 7.90
CA VAL B 59 17.18 -11.62 7.02
C VAL B 59 17.93 -10.56 7.84
N ILE B 60 17.21 -9.93 8.78
CA ILE B 60 17.82 -8.91 9.64
C ILE B 60 18.90 -9.57 10.49
N LYS B 61 18.58 -10.72 11.05
CA LYS B 61 19.51 -11.46 11.89
C LYS B 61 20.78 -11.82 11.13
N GLU B 62 20.64 -12.34 9.93
CA GLU B 62 21.79 -12.72 9.12
C GLU B 62 22.66 -11.54 8.71
N ILE B 63 22.02 -10.43 8.36
CA ILE B 63 22.79 -9.24 7.97
C ILE B 63 23.56 -8.70 9.18
N ILE B 64 22.91 -8.68 10.33
CA ILE B 64 23.55 -8.23 11.56
C ILE B 64 24.72 -9.14 11.91
N ARG B 65 24.53 -10.44 11.72
CA ARG B 65 25.57 -11.42 11.99
C ARG B 65 26.81 -11.22 11.11
N VAL B 66 26.60 -11.19 9.80
CA VAL B 66 27.71 -11.04 8.86
C VAL B 66 28.44 -9.70 9.00
N ALA B 67 27.70 -8.63 9.28
CA ALA B 67 28.31 -7.31 9.43
C ALA B 67 29.26 -7.26 10.63
N ASN B 68 28.96 -8.09 11.62
CA ASN B 68 29.78 -8.18 12.82
C ASN B 68 30.20 -6.83 13.37
N LYS B 69 29.22 -5.93 13.54
CA LYS B 69 29.42 -4.59 14.08
C LYS B 69 30.36 -3.65 13.34
N ARG B 70 30.70 -3.99 12.10
CA ARG B 70 31.59 -3.16 11.29
C ARG B 70 30.90 -1.91 10.75
N ILE B 71 29.61 -2.03 10.43
CA ILE B 71 28.81 -0.89 9.97
C ILE B 71 27.42 -1.01 10.60
N PRO B 72 26.76 0.13 10.84
CA PRO B 72 25.44 0.00 11.44
C PRO B 72 24.40 -0.62 10.49
N ILE B 73 23.45 -1.35 11.07
CA ILE B 73 22.41 -2.02 10.30
C ILE B 73 21.06 -1.40 10.65
N ILE B 74 20.33 -0.98 9.62
CA ILE B 74 19.00 -0.39 9.81
C ILE B 74 18.00 -1.43 9.34
N ALA B 75 16.98 -1.68 10.16
CA ALA B 75 15.98 -2.67 9.79
C ALA B 75 14.71 -2.02 9.29
N GLY B 76 14.21 -2.49 8.16
CA GLY B 76 12.96 -1.96 7.61
C GLY B 76 11.87 -2.60 8.45
N THR B 77 11.05 -1.78 9.11
CA THR B 77 9.99 -2.33 9.96
C THR B 77 8.65 -1.64 9.77
N GLY B 78 8.44 -1.01 8.61
CA GLY B 78 7.19 -0.34 8.34
C GLY B 78 6.02 -1.27 8.11
N ALA B 79 4.82 -0.77 8.35
CA ALA B 79 3.58 -1.52 8.16
C ALA B 79 2.47 -0.49 8.11
N ASN B 80 1.33 -0.82 7.50
CA ASN B 80 0.26 0.16 7.47
C ASN B 80 -0.67 0.01 8.67
N SER B 81 -0.23 -0.81 9.62
CA SER B 81 -0.93 -1.06 10.88
C SER B 81 0.03 -0.61 11.98
N THR B 82 -0.43 0.26 12.87
CA THR B 82 0.44 0.74 13.94
C THR B 82 0.86 -0.41 14.86
N ARG B 83 -0.07 -1.30 15.17
CA ARG B 83 0.22 -2.44 16.01
C ARG B 83 1.30 -3.32 15.40
N GLU B 84 1.20 -3.56 14.12
CA GLU B 84 2.19 -4.39 13.44
C GLU B 84 3.54 -3.69 13.38
N ALA B 85 3.52 -2.38 13.14
CA ALA B 85 4.76 -1.63 13.06
C ALA B 85 5.46 -1.73 14.40
N ILE B 86 4.70 -1.65 15.50
CA ILE B 86 5.30 -1.76 16.82
C ILE B 86 5.94 -3.13 17.02
N GLU B 87 5.24 -4.19 16.69
CA GLU B 87 5.78 -5.52 16.85
C GLU B 87 7.04 -5.76 15.98
N LEU B 88 7.01 -5.28 14.76
CA LEU B 88 8.16 -5.44 13.88
C LEU B 88 9.35 -4.64 14.39
N THR B 89 9.09 -3.43 14.88
CA THR B 89 10.14 -2.56 15.37
C THR B 89 10.75 -3.12 16.67
N LYS B 90 9.90 -3.69 17.53
CA LYS B 90 10.38 -4.28 18.78
C LYS B 90 11.29 -5.45 18.43
N ALA B 91 10.88 -6.23 17.43
CA ALA B 91 11.66 -7.39 17.01
C ALA B 91 13.03 -6.97 16.50
N ALA B 92 13.08 -5.89 15.74
CA ALA B 92 14.34 -5.41 15.21
C ALA B 92 15.24 -4.96 16.37
N LYS B 93 14.66 -4.28 17.35
CA LYS B 93 15.45 -3.83 18.50
C LYS B 93 16.08 -5.03 19.21
N ASP B 94 15.26 -6.05 19.47
CA ASP B 94 15.70 -7.25 20.15
C ASP B 94 16.80 -7.98 19.39
N LEU B 95 16.78 -7.88 18.07
CA LEU B 95 17.79 -8.54 17.23
C LEU B 95 19.10 -7.76 17.22
N GLY B 96 19.07 -6.56 17.78
CA GLY B 96 20.25 -5.72 17.84
C GLY B 96 20.44 -4.75 16.69
N ALA B 97 19.38 -4.44 15.96
CA ALA B 97 19.49 -3.48 14.88
C ALA B 97 19.85 -2.12 15.47
N ASP B 98 20.54 -1.29 14.68
CA ASP B 98 20.96 0.02 15.15
C ASP B 98 19.89 1.10 15.05
N ALA B 99 18.95 0.89 14.14
CA ALA B 99 17.85 1.81 13.92
C ALA B 99 16.83 1.06 13.08
N ALA B 100 15.66 1.67 12.91
CA ALA B 100 14.61 1.06 12.11
C ALA B 100 14.12 2.09 11.11
N LEU B 101 13.79 1.63 9.90
CA LEU B 101 13.28 2.51 8.86
C LEU B 101 11.80 2.19 8.67
N LEU B 102 10.92 3.18 8.80
CA LEU B 102 9.50 2.92 8.69
C LEU B 102 8.75 3.78 7.67
N VAL B 103 8.41 3.18 6.55
CA VAL B 103 7.66 3.89 5.52
C VAL B 103 6.30 4.29 6.11
N THR B 104 5.71 5.35 5.57
CA THR B 104 4.40 5.80 6.04
C THR B 104 3.38 4.72 5.70
N PRO B 105 2.36 4.54 6.55
CA PRO B 105 1.38 3.51 6.21
C PRO B 105 0.89 3.72 4.77
N TYR B 106 0.89 2.66 3.99
CA TYR B 106 0.44 2.72 2.62
C TYR B 106 -0.97 2.17 2.48
N TYR B 107 -1.60 2.51 1.36
CA TYR B 107 -2.93 2.04 1.03
C TYR B 107 -4.11 2.56 1.85
N ASN B 108 -4.03 2.54 3.19
CA ASN B 108 -5.16 3.04 3.96
C ASN B 108 -5.25 4.57 4.15
N LYS B 109 -4.26 5.29 3.61
CA LYS B 109 -4.25 6.75 3.63
C LYS B 109 -4.60 7.48 4.93
N PRO B 110 -3.77 7.34 5.97
CA PRO B 110 -4.09 8.05 7.22
C PRO B 110 -3.95 9.56 7.05
N THR B 111 -4.56 10.33 7.95
CA THR B 111 -4.48 11.79 7.89
C THR B 111 -3.10 12.20 8.37
N GLN B 112 -2.77 13.48 8.30
CA GLN B 112 -1.47 13.91 8.80
C GLN B 112 -1.37 13.63 10.30
N GLU B 113 -2.45 13.90 11.04
CA GLU B 113 -2.47 13.66 12.48
C GLU B 113 -2.38 12.15 12.75
N GLY B 114 -2.92 11.35 11.84
CA GLY B 114 -2.86 9.91 12.00
C GLY B 114 -1.43 9.45 11.80
N LEU B 115 -0.73 10.07 10.88
CA LEU B 115 0.67 9.73 10.64
C LEU B 115 1.45 10.10 11.90
N TYR B 116 1.12 11.25 12.48
CA TYR B 116 1.79 11.72 13.68
C TYR B 116 1.56 10.75 14.85
N GLN B 117 0.32 10.34 15.05
CA GLN B 117 0.00 9.41 16.14
C GLN B 117 0.63 8.04 15.91
N HIS B 118 0.69 7.62 14.65
CA HIS B 118 1.28 6.34 14.25
C HIS B 118 2.73 6.26 14.73
N TYR B 119 3.55 7.21 14.27
CA TYR B 119 4.96 7.25 14.62
C TYR B 119 5.24 7.52 16.10
N LYS B 120 4.40 8.33 16.74
CA LYS B 120 4.57 8.65 18.15
C LYS B 120 4.34 7.39 18.98
N ALA B 121 3.31 6.63 18.62
CA ALA B 121 2.99 5.39 19.33
C ALA B 121 4.16 4.42 19.24
N ILE B 122 4.76 4.32 18.06
CA ILE B 122 5.90 3.43 17.87
C ILE B 122 7.11 3.90 18.66
N ALA B 123 7.37 5.19 18.63
CA ALA B 123 8.52 5.75 19.35
C ALA B 123 8.40 5.54 20.85
N GLU B 124 7.18 5.67 21.38
CA GLU B 124 6.96 5.49 22.80
C GLU B 124 6.95 4.04 23.22
N ALA B 125 6.66 3.14 22.28
CA ALA B 125 6.61 1.72 22.58
C ALA B 125 7.95 1.00 22.47
N VAL B 126 8.86 1.53 21.64
CA VAL B 126 10.16 0.90 21.44
C VAL B 126 11.34 1.86 21.56
N GLU B 127 12.28 1.58 22.46
CA GLU B 127 13.44 2.44 22.60
C GLU B 127 14.47 2.10 21.53
N LEU B 128 14.28 2.67 20.34
CA LEU B 128 15.16 2.42 19.21
C LEU B 128 15.13 3.65 18.29
N PRO B 129 16.27 4.00 17.69
CA PRO B 129 16.25 5.17 16.80
C PRO B 129 15.34 4.85 15.59
N LEU B 130 14.46 5.78 15.24
CA LEU B 130 13.54 5.56 14.13
C LEU B 130 13.72 6.53 12.98
N ILE B 131 13.67 6.02 11.75
CA ILE B 131 13.79 6.86 10.56
C ILE B 131 12.49 6.79 9.76
N LEU B 132 11.83 7.93 9.59
CA LEU B 132 10.60 8.01 8.82
C LEU B 132 10.96 7.84 7.33
N TYR B 133 9.97 7.45 6.54
CA TYR B 133 10.20 7.33 5.09
C TYR B 133 8.96 7.68 4.30
N ASN B 134 9.15 8.69 3.48
CA ASN B 134 8.08 9.23 2.66
C ASN B 134 8.31 8.97 1.17
N VAL B 135 7.35 8.30 0.54
CA VAL B 135 7.42 7.99 -0.89
C VAL B 135 5.97 7.93 -1.38
N PRO B 136 5.36 9.10 -1.52
CA PRO B 136 3.95 9.21 -1.91
C PRO B 136 3.56 8.31 -3.07
N GLY B 137 4.30 8.39 -4.17
CA GLY B 137 3.92 7.64 -5.36
C GLY B 137 3.54 6.20 -5.13
N ARG B 138 4.12 5.59 -4.09
CA ARG B 138 3.86 4.19 -3.74
C ARG B 138 2.82 3.97 -2.66
N THR B 139 2.72 4.93 -1.74
CA THR B 139 1.84 4.83 -0.58
C THR B 139 0.44 5.42 -0.66
N GLY B 140 0.26 6.44 -1.49
CA GLY B 140 -1.03 7.07 -1.57
C GLY B 140 -1.15 8.17 -0.51
N VAL B 141 -0.04 8.46 0.15
CA VAL B 141 -0.04 9.50 1.17
C VAL B 141 1.30 10.25 1.18
N ASP B 142 1.25 11.52 1.55
CA ASP B 142 2.43 12.36 1.58
C ASP B 142 2.62 12.96 2.97
N LEU B 143 3.64 12.50 3.68
CA LEU B 143 3.94 13.05 5.00
C LEU B 143 4.57 14.41 4.74
N SER B 144 3.81 15.46 5.03
CA SER B 144 4.27 16.84 4.79
C SER B 144 5.50 17.22 5.59
N ASN B 145 6.19 18.25 5.13
CA ASN B 145 7.38 18.74 5.82
C ASN B 145 6.95 19.18 7.22
N ASP B 146 5.80 19.83 7.30
CA ASP B 146 5.27 20.30 8.58
C ASP B 146 5.12 19.16 9.58
N THR B 147 4.57 18.03 9.12
CA THR B 147 4.39 16.89 10.01
C THR B 147 5.73 16.31 10.40
N ALA B 148 6.66 16.29 9.45
CA ALA B 148 8.00 15.77 9.69
C ALA B 148 8.71 16.60 10.76
N VAL B 149 8.52 17.90 10.71
CA VAL B 149 9.14 18.81 11.68
C VAL B 149 8.57 18.56 13.09
N ARG B 150 7.26 18.31 13.17
CA ARG B 150 6.62 18.02 14.45
C ARG B 150 7.20 16.73 15.03
N LEU B 151 7.25 15.69 14.20
CA LEU B 151 7.74 14.40 14.61
C LEU B 151 9.20 14.41 15.07
N ALA B 152 10.00 15.33 14.54
CA ALA B 152 11.40 15.42 14.94
C ALA B 152 11.54 15.74 16.42
N GLU B 153 10.47 16.28 17.01
CA GLU B 153 10.49 16.63 18.43
C GLU B 153 10.28 15.41 19.33
N ILE B 154 9.82 14.32 18.77
CA ILE B 154 9.57 13.08 19.49
C ILE B 154 10.87 12.30 19.76
N PRO B 155 11.07 11.95 21.02
CA PRO B 155 12.27 11.17 21.32
C PRO B 155 12.24 9.84 20.57
N ASN B 156 13.43 9.56 19.99
CA ASN B 156 13.66 8.35 19.22
C ASN B 156 13.38 8.47 17.73
N ILE B 157 12.77 9.52 17.32
CA ILE B 157 12.59 9.77 15.89
C ILE B 157 13.81 10.59 15.51
N VAL B 158 14.74 9.95 14.81
CA VAL B 158 16.01 10.60 14.48
C VAL B 158 16.28 10.94 13.02
N GLY B 159 15.31 10.73 12.14
CA GLY B 159 15.54 11.06 10.74
C GLY B 159 14.39 10.75 9.80
N ILE B 160 14.53 11.16 8.55
CA ILE B 160 13.50 10.92 7.54
C ILE B 160 14.14 10.67 6.17
N LYS B 161 13.67 9.63 5.50
CA LYS B 161 14.14 9.31 4.16
C LYS B 161 13.13 9.98 3.23
N ASP B 162 13.60 11.01 2.52
CA ASP B 162 12.75 11.79 1.62
C ASP B 162 12.91 11.30 0.18
N ALA B 163 11.94 10.53 -0.31
CA ALA B 163 12.00 9.99 -1.67
C ALA B 163 11.22 10.80 -2.73
N THR B 164 10.86 12.05 -2.40
CA THR B 164 10.11 12.88 -3.33
C THR B 164 10.91 13.30 -4.55
N GLY B 165 12.22 13.39 -4.39
CA GLY B 165 13.07 13.81 -5.50
C GLY B 165 12.83 15.28 -5.81
N ASP B 166 12.12 15.94 -4.90
CA ASP B 166 11.80 17.36 -4.99
C ASP B 166 12.88 18.09 -4.19
N VAL B 167 13.97 18.47 -4.84
CA VAL B 167 15.07 19.11 -4.13
C VAL B 167 14.73 20.41 -3.36
N PRO B 168 13.95 21.33 -3.95
CA PRO B 168 13.61 22.55 -3.21
C PRO B 168 12.85 22.23 -1.92
N ARG B 169 11.97 21.23 -2.01
CA ARG B 169 11.17 20.80 -0.88
C ARG B 169 12.07 20.16 0.18
N GLY B 170 13.03 19.37 -0.28
CA GLY B 170 13.93 18.72 0.65
C GLY B 170 14.80 19.74 1.34
N LYS B 171 15.26 20.73 0.61
CA LYS B 171 16.06 21.77 1.18
C LYS B 171 15.24 22.55 2.21
N ALA B 172 13.99 22.80 1.91
CA ALA B 172 13.12 23.50 2.83
C ALA B 172 13.00 22.72 4.13
N LEU B 173 12.95 21.40 4.02
CA LEU B 173 12.83 20.54 5.20
C LEU B 173 14.08 20.58 6.05
N ILE B 174 15.24 20.47 5.39
CA ILE B 174 16.51 20.50 6.09
C ILE B 174 16.68 21.80 6.85
N ASP B 175 16.36 22.91 6.19
CA ASP B 175 16.48 24.22 6.83
C ASP B 175 15.54 24.39 8.02
N ALA B 176 14.32 23.88 7.89
CA ALA B 176 13.33 24.01 8.98
C ALA B 176 13.72 23.18 10.20
N LEU B 177 14.32 22.02 9.94
CA LEU B 177 14.74 21.13 11.02
C LEU B 177 15.92 21.67 11.83
N ASN B 178 16.82 22.38 11.15
CA ASN B 178 18.01 22.95 11.78
C ASN B 178 18.73 21.94 12.66
N GLY B 179 18.92 20.74 12.11
CA GLY B 179 19.62 19.69 12.84
C GLY B 179 18.84 18.86 13.84
N LYS B 180 17.58 19.17 14.07
CA LYS B 180 16.79 18.40 15.04
C LYS B 180 16.74 16.91 14.72
N MET B 181 16.75 16.57 13.44
CA MET B 181 16.77 15.18 13.03
C MET B 181 17.41 15.15 11.64
N ALA B 182 17.88 13.98 11.23
CA ALA B 182 18.55 13.84 9.94
C ALA B 182 17.60 13.70 8.75
N VAL B 183 18.08 14.07 7.57
CA VAL B 183 17.33 13.93 6.34
C VAL B 183 18.20 13.11 5.39
N TYR B 184 17.61 12.06 4.83
CA TYR B 184 18.33 11.18 3.89
C TYR B 184 17.59 11.21 2.57
N SER B 185 18.35 11.22 1.47
CA SER B 185 17.71 11.19 0.18
C SER B 185 17.20 9.79 -0.07
N GLY B 186 16.06 9.71 -0.77
CA GLY B 186 15.48 8.44 -1.12
C GLY B 186 15.30 8.43 -2.64
N ASP B 187 16.03 9.32 -3.31
CA ASP B 187 15.98 9.47 -4.76
C ASP B 187 17.40 9.57 -5.32
N ASP B 188 17.94 8.45 -5.80
CA ASP B 188 19.30 8.43 -6.34
C ASP B 188 19.60 9.54 -7.37
N GLU B 189 18.65 9.81 -8.26
CA GLU B 189 18.84 10.83 -9.29
C GLU B 189 19.23 12.20 -8.72
N THR B 190 18.63 12.58 -7.59
CA THR B 190 18.92 13.88 -6.98
C THR B 190 19.68 13.83 -5.65
N ALA B 191 20.02 12.63 -5.19
CA ALA B 191 20.73 12.46 -3.92
C ALA B 191 21.94 13.36 -3.75
N TRP B 192 22.84 13.36 -4.74
CA TRP B 192 24.04 14.17 -4.66
C TRP B 192 23.72 15.65 -4.34
N GLU B 193 22.63 16.16 -4.91
CA GLU B 193 22.24 17.54 -4.67
C GLU B 193 21.77 17.72 -3.24
N LEU B 194 20.91 16.82 -2.78
CA LEU B 194 20.37 16.91 -1.43
C LEU B 194 21.47 16.83 -0.37
N MET B 195 22.50 16.03 -0.63
CA MET B 195 23.58 15.89 0.34
C MET B 195 24.43 17.15 0.35
N LEU B 196 24.54 17.80 -0.81
CA LEU B 196 25.31 19.04 -0.89
C LEU B 196 24.56 20.10 -0.12
N LEU B 197 23.24 19.93 -0.04
CA LEU B 197 22.40 20.89 0.66
C LEU B 197 22.19 20.54 2.13
N GLY B 198 22.86 19.49 2.61
CA GLY B 198 22.73 19.14 4.02
C GLY B 198 22.21 17.77 4.43
N ALA B 199 21.78 16.95 3.48
CA ALA B 199 21.30 15.62 3.83
C ALA B 199 22.45 14.81 4.40
N ASP B 200 22.13 13.92 5.35
CA ASP B 200 23.15 13.10 6.01
C ASP B 200 23.58 11.87 5.22
N GLY B 201 22.89 11.59 4.12
CA GLY B 201 23.24 10.43 3.34
C GLY B 201 22.20 10.11 2.29
N ASN B 202 22.38 8.95 1.65
CA ASN B 202 21.49 8.51 0.61
C ASN B 202 21.15 7.04 0.83
N ILE B 203 19.88 6.77 1.10
CA ILE B 203 19.43 5.40 1.27
C ILE B 203 19.11 5.03 -0.15
N SER B 204 20.12 4.45 -0.80
CA SER B 204 20.11 4.27 -2.24
C SER B 204 19.80 2.86 -2.74
N VAL B 205 19.39 2.83 -4.00
CA VAL B 205 19.11 1.64 -4.79
C VAL B 205 20.36 1.42 -5.64
N THR B 206 20.84 2.48 -6.28
CA THR B 206 22.03 2.39 -7.13
C THR B 206 23.23 1.79 -6.37
N ALA B 207 23.32 2.06 -5.07
CA ALA B 207 24.43 1.54 -4.27
C ALA B 207 24.51 0.01 -4.33
N ASN B 208 23.40 -0.63 -4.70
CA ASN B 208 23.35 -2.09 -4.81
C ASN B 208 24.32 -2.63 -5.86
N ILE B 209 24.50 -1.86 -6.93
CA ILE B 209 25.38 -2.29 -8.02
C ILE B 209 26.65 -1.48 -8.17
N ALA B 210 26.68 -0.29 -7.57
CA ALA B 210 27.88 0.56 -7.63
C ALA B 210 28.15 1.07 -6.22
N PRO B 211 28.38 0.14 -5.27
CA PRO B 211 28.64 0.55 -3.88
C PRO B 211 29.85 1.46 -3.68
N LYS B 212 30.98 1.15 -4.33
CA LYS B 212 32.16 1.99 -4.15
C LYS B 212 31.91 3.39 -4.69
N ALA B 213 31.34 3.46 -5.89
CA ALA B 213 31.06 4.76 -6.52
C ALA B 213 30.09 5.61 -5.71
N MET B 214 29.03 5.00 -5.21
CA MET B 214 28.06 5.78 -4.42
C MET B 214 28.67 6.22 -3.09
N SER B 215 29.54 5.40 -2.50
CA SER B 215 30.15 5.78 -1.24
C SER B 215 31.01 7.02 -1.45
N GLU B 216 31.62 7.12 -2.63
CA GLU B 216 32.46 8.26 -2.97
C GLU B 216 31.58 9.50 -3.21
N VAL B 217 30.47 9.33 -3.91
CA VAL B 217 29.56 10.43 -4.18
C VAL B 217 29.04 11.02 -2.87
N CYS B 218 28.67 10.13 -1.94
CA CYS B 218 28.17 10.58 -0.65
C CYS B 218 29.26 11.27 0.16
N ALA B 219 30.46 10.71 0.12
CA ALA B 219 31.57 11.30 0.86
C ALA B 219 31.85 12.72 0.41
N VAL B 220 32.01 12.93 -0.91
CA VAL B 220 32.31 14.26 -1.40
C VAL B 220 31.13 15.22 -1.27
N ALA B 221 29.91 14.71 -1.37
CA ALA B 221 28.74 15.57 -1.24
C ALA B 221 28.59 16.00 0.22
N ILE B 222 28.83 15.07 1.14
CA ILE B 222 28.72 15.42 2.56
C ILE B 222 29.80 16.43 2.89
N ALA B 223 30.95 16.30 2.22
CA ALA B 223 32.07 17.22 2.43
C ALA B 223 31.80 18.58 1.78
N LYS B 224 30.69 18.67 1.05
CA LYS B 224 30.29 19.90 0.39
C LYS B 224 31.19 20.31 -0.77
N ASP B 225 31.71 19.31 -1.47
CA ASP B 225 32.57 19.55 -2.62
C ASP B 225 31.65 19.39 -3.84
N GLU B 226 31.06 20.51 -4.26
CA GLU B 226 30.11 20.49 -5.37
C GLU B 226 30.62 19.95 -6.70
N GLN B 227 31.81 20.36 -7.13
CA GLN B 227 32.29 19.87 -8.42
C GLN B 227 32.63 18.38 -8.40
N GLN B 228 33.20 17.90 -7.29
CA GLN B 228 33.51 16.48 -7.23
C GLN B 228 32.22 15.66 -7.19
N ALA B 229 31.22 16.17 -6.49
CA ALA B 229 29.94 15.47 -6.41
C ALA B 229 29.29 15.40 -7.78
N LYS B 230 29.34 16.50 -8.54
CA LYS B 230 28.76 16.52 -9.88
C LYS B 230 29.49 15.55 -10.80
N THR B 231 30.82 15.63 -10.79
CA THR B 231 31.65 14.78 -11.64
C THR B 231 31.45 13.29 -11.35
N LEU B 232 31.54 12.91 -10.08
CA LEU B 232 31.40 11.50 -9.74
C LEU B 232 29.98 10.99 -9.95
N ASN B 233 28.99 11.83 -9.67
CA ASN B 233 27.61 11.39 -9.88
C ASN B 233 27.32 11.24 -11.38
N ASN B 234 27.90 12.12 -12.18
CA ASN B 234 27.67 12.07 -13.62
C ASN B 234 28.02 10.72 -14.24
N LYS B 235 29.04 10.06 -13.69
CA LYS B 235 29.46 8.76 -14.22
C LYS B 235 28.44 7.65 -14.02
N ILE B 236 27.64 7.75 -12.96
CA ILE B 236 26.63 6.72 -12.71
C ILE B 236 25.21 7.26 -12.84
N ALA B 237 25.08 8.47 -13.36
CA ALA B 237 23.77 9.10 -13.53
C ALA B 237 22.78 8.26 -14.35
N ASN B 238 23.24 7.65 -15.43
CA ASN B 238 22.36 6.84 -16.26
C ASN B 238 21.85 5.62 -15.49
N LEU B 239 22.64 5.15 -14.53
CA LEU B 239 22.21 4.01 -13.73
C LEU B 239 21.02 4.40 -12.85
N HIS B 240 21.00 5.64 -12.38
CA HIS B 240 19.90 6.11 -11.53
C HIS B 240 18.57 6.09 -12.26
N ASN B 241 18.61 6.20 -13.58
CA ASN B 241 17.40 6.20 -14.39
C ASN B 241 16.99 4.79 -14.84
N ILE B 242 17.95 4.06 -15.34
CA ILE B 242 17.69 2.75 -15.83
C ILE B 242 17.20 1.76 -14.78
N LEU B 243 17.62 1.93 -13.53
CA LEU B 243 17.22 1.02 -12.45
C LEU B 243 15.76 1.15 -12.07
N PHE B 244 15.04 2.00 -12.79
CA PHE B 244 13.62 2.19 -12.53
C PHE B 244 12.80 2.06 -13.82
N CYS B 245 13.37 1.38 -14.83
CA CYS B 245 12.64 1.20 -16.08
C CYS B 245 11.35 0.44 -15.80
N GLU B 246 11.38 -0.40 -14.77
CA GLU B 246 10.23 -1.15 -14.29
C GLU B 246 10.34 -0.91 -12.79
N SER B 247 9.25 -1.11 -12.03
CA SER B 247 9.28 -0.87 -10.59
C SER B 247 10.43 -1.52 -9.82
N ASN B 248 11.14 -0.70 -9.06
CA ASN B 248 12.21 -1.16 -8.20
C ASN B 248 11.52 -2.13 -7.23
N PRO B 249 12.20 -3.23 -6.85
CA PRO B 249 13.55 -3.68 -7.23
C PRO B 249 13.69 -4.60 -8.44
N ILE B 250 12.72 -4.58 -9.36
CA ILE B 250 12.83 -5.48 -10.51
C ILE B 250 14.12 -5.29 -11.33
N PRO B 251 14.44 -4.06 -11.75
CA PRO B 251 15.67 -3.86 -12.54
C PRO B 251 16.98 -4.09 -11.79
N VAL B 252 17.07 -3.62 -10.55
CA VAL B 252 18.31 -3.78 -9.79
C VAL B 252 18.59 -5.24 -9.48
N LYS B 253 17.54 -6.05 -9.29
CA LYS B 253 17.80 -7.47 -9.06
C LYS B 253 18.33 -8.08 -10.35
N TRP B 254 17.81 -7.67 -11.50
CA TRP B 254 18.31 -8.24 -12.75
C TRP B 254 19.74 -7.76 -12.97
N ALA B 255 20.00 -6.51 -12.58
CA ALA B 255 21.34 -5.97 -12.75
C ALA B 255 22.34 -6.81 -11.96
N LEU B 256 22.00 -7.13 -10.71
CA LEU B 256 22.88 -7.94 -9.89
C LEU B 256 23.03 -9.35 -10.45
N HIS B 257 22.00 -9.85 -11.14
CA HIS B 257 22.09 -11.18 -11.73
C HIS B 257 23.05 -11.13 -12.91
N GLU B 258 22.95 -10.08 -13.73
CA GLU B 258 23.86 -9.97 -14.86
C GLU B 258 25.30 -9.88 -14.35
N MET B 259 25.49 -9.27 -13.18
CA MET B 259 26.81 -9.14 -12.57
C MET B 259 27.27 -10.45 -11.92
N GLY B 260 26.40 -11.46 -11.96
CA GLY B 260 26.71 -12.75 -11.40
C GLY B 260 26.74 -12.83 -9.89
N LEU B 261 26.10 -11.86 -9.22
CA LEU B 261 26.09 -11.84 -7.76
C LEU B 261 24.88 -12.54 -7.11
N ILE B 262 23.73 -12.56 -7.79
CA ILE B 262 22.54 -13.23 -7.25
C ILE B 262 21.83 -14.00 -8.35
N ASP B 263 20.88 -14.85 -7.96
CA ASP B 263 20.10 -15.63 -8.92
C ASP B 263 18.88 -14.80 -9.32
N THR B 264 18.02 -15.39 -10.15
CA THR B 264 16.84 -14.70 -10.67
C THR B 264 15.58 -14.61 -9.81
N GLY B 265 15.60 -15.23 -8.63
CA GLY B 265 14.41 -15.20 -7.78
C GLY B 265 13.86 -13.83 -7.40
N ILE B 266 12.54 -13.71 -7.49
CA ILE B 266 11.84 -12.47 -7.14
C ILE B 266 10.39 -12.93 -6.96
N ARG B 267 9.73 -12.46 -5.92
CA ARG B 267 8.37 -12.92 -5.60
C ARG B 267 7.15 -12.18 -6.15
N LEU B 268 6.21 -12.95 -6.68
CA LEU B 268 4.97 -12.37 -7.20
C LEU B 268 4.38 -11.56 -6.06
N PRO B 269 3.69 -10.46 -6.39
CA PRO B 269 3.41 -9.94 -7.73
C PRO B 269 4.56 -9.36 -8.55
N LEU B 270 5.77 -9.27 -7.98
CA LEU B 270 6.87 -8.75 -8.78
C LEU B 270 7.33 -9.83 -9.75
N THR B 271 7.92 -9.41 -10.87
CA THR B 271 8.36 -10.35 -11.91
C THR B 271 9.77 -10.04 -12.37
N PRO B 272 10.48 -11.02 -12.96
CA PRO B 272 11.84 -10.71 -13.41
C PRO B 272 11.74 -9.63 -14.47
N LEU B 273 12.75 -8.77 -14.55
CA LEU B 273 12.76 -7.70 -15.54
C LEU B 273 12.33 -8.24 -16.90
N ALA B 274 11.42 -7.53 -17.54
CA ALA B 274 10.90 -7.93 -18.86
C ALA B 274 12.04 -8.08 -19.85
N GLU B 275 11.94 -9.09 -20.69
CA GLU B 275 13.01 -9.46 -21.58
C GLU B 275 13.53 -8.27 -22.40
N GLN B 276 12.67 -7.43 -22.92
CA GLN B 276 13.09 -6.30 -23.74
C GLN B 276 14.02 -5.28 -23.07
N TYR B 277 14.03 -5.25 -21.73
CA TYR B 277 14.88 -4.30 -20.99
C TYR B 277 16.24 -4.83 -20.60
N ARG B 278 16.47 -6.12 -20.83
CA ARG B 278 17.72 -6.73 -20.42
C ARG B 278 18.97 -6.30 -21.21
N GLU B 279 18.87 -6.18 -22.53
CA GLU B 279 20.04 -5.75 -23.32
C GLU B 279 20.32 -4.28 -22.99
N PRO B 280 19.27 -3.44 -22.93
CA PRO B 280 19.49 -2.03 -22.60
C PRO B 280 20.19 -1.89 -21.25
N LEU B 281 19.78 -2.71 -20.29
CA LEU B 281 20.37 -2.66 -18.95
C LEU B 281 21.81 -3.15 -18.97
N ARG B 282 22.07 -4.21 -19.73
CA ARG B 282 23.43 -4.74 -19.81
C ARG B 282 24.35 -3.65 -20.38
N ASN B 283 23.87 -2.95 -21.40
CA ASN B 283 24.64 -1.88 -22.03
C ASN B 283 24.94 -0.75 -21.03
N ALA B 284 23.97 -0.43 -20.18
CA ALA B 284 24.15 0.63 -19.18
C ALA B 284 25.22 0.22 -18.18
N LEU B 285 25.21 -1.06 -17.82
CA LEU B 285 26.19 -1.58 -16.89
C LEU B 285 27.57 -1.55 -17.53
N LYS B 286 27.65 -1.90 -18.82
CA LYS B 286 28.93 -1.89 -19.51
C LYS B 286 29.44 -0.45 -19.63
N ASP B 287 28.55 0.47 -20.03
CA ASP B 287 28.92 1.87 -20.15
C ASP B 287 29.52 2.40 -18.86
N ALA B 288 28.97 1.97 -17.73
CA ALA B 288 29.41 2.43 -16.42
C ALA B 288 30.61 1.70 -15.83
N GLY B 289 31.11 0.70 -16.54
CA GLY B 289 32.26 -0.04 -16.06
C GLY B 289 31.99 -1.10 -15.01
N ILE B 290 30.72 -1.42 -14.78
CA ILE B 290 30.38 -2.42 -13.79
C ILE B 290 30.59 -3.87 -14.27
N ILE B 291 30.35 -4.13 -15.55
CA ILE B 291 30.60 -5.46 -16.09
C ILE B 291 31.39 -5.34 -17.40
#